data_4OPU
#
_entry.id   4OPU
#
_cell.length_a   63.921
_cell.length_b   81.988
_cell.length_c   106.169
_cell.angle_alpha   90.00
_cell.angle_beta   90.00
_cell.angle_gamma   90.00
#
_symmetry.space_group_name_H-M   'P 21 21 21'
#
loop_
_entity.id
_entity.type
_entity.pdbx_description
1 polymer 'Conserved Archaeal protein'
2 non-polymer 'DIHYDROFLAVINE-ADENINE DINUCLEOTIDE'
3 non-polymer 'GERANYLGERANYL DIPHOSPHATE'
4 water water
#
_entity_poly.entity_id   1
_entity_poly.type   'polypeptide(L)'
_entity_poly.pdbx_seq_one_letter_code
;HMKELKYDVLIIGGGFAGSSAAYQLSRRGLKILLVDSKPWNRIGDKPCGDAVSKAHFDKLGMPYPKGEELENKINGIKLY
SPDMQTVWTVNHEGFELNAPLYNQRVLKEAQDRGVEIWDLTTAMKPIFEDGYVKGAVLFNRRTNEELTVYSKVVVEATGY
SRSFRSKLPPELPITEDLDDKDADVAYREVLLTKEDIEDHDYLRIFIDQETSPGGYWWYFPKGKNKVNVGLGIQGGMGYP
SIHEYYKKYLDKYAPDVDKSKLLVKGGALVPTRRPLYTMAWNGIIVIGDSGFTVNPVHGGGKGSAMISGYCAAKAILSAF
ETGDFSASGLWDMNICYVNEYGAKQASLDIFRRFLQKLSNDDINYGMKKKIIKEEDLLEASEKGDLHLSVADKAMRVISG
LGRPSLLFKLKAVAESMKKIKELYLNYPRSPSSLGSWRREVDNVLTEFNKSLS
;
_entity_poly.pdbx_strand_id   A
#
loop_
_chem_comp.id
_chem_comp.type
_chem_comp.name
_chem_comp.formula
FDA non-polymer 'DIHYDROFLAVINE-ADENINE DINUCLEOTIDE' 'C27 H35 N9 O15 P2'
GRG non-polymer 'GERANYLGERANYL DIPHOSPHATE' 'C20 H36 O7 P2'
#
# COMPACT_ATOMS: atom_id res chain seq x y z
N MET A 2 25.37 27.16 9.33
CA MET A 2 24.65 25.93 9.66
C MET A 2 25.56 24.71 9.57
N LYS A 3 25.34 23.73 10.45
CA LYS A 3 26.13 22.52 10.50
C LYS A 3 25.87 21.60 9.31
N GLU A 4 26.91 20.93 8.82
CA GLU A 4 26.77 20.05 7.65
C GLU A 4 27.32 18.64 7.89
N LEU A 5 26.62 17.64 7.35
CA LEU A 5 27.03 16.25 7.46
C LEU A 5 26.95 15.56 6.10
N LYS A 6 27.81 14.56 5.89
CA LYS A 6 27.81 13.82 4.63
C LYS A 6 27.53 12.34 4.84
N TYR A 7 26.49 11.84 4.16
CA TYR A 7 26.16 10.42 4.18
C TYR A 7 26.03 9.89 2.76
N ASP A 8 26.06 8.57 2.61
CA ASP A 8 25.83 7.95 1.31
C ASP A 8 24.35 7.98 0.98
N VAL A 9 23.51 7.64 1.96
CA VAL A 9 22.07 7.58 1.75
C VAL A 9 21.31 8.24 2.91
N LEU A 10 20.35 9.10 2.55
CA LEU A 10 19.43 9.67 3.52
C LEU A 10 18.03 9.09 3.31
N ILE A 11 17.55 8.31 4.28
CA ILE A 11 16.21 7.76 4.22
C ILE A 11 15.26 8.61 5.06
N ILE A 12 14.29 9.23 4.41
CA ILE A 12 13.34 10.09 5.11
C ILE A 12 12.04 9.34 5.38
N GLY A 13 11.78 9.08 6.66
CA GLY A 13 10.61 8.32 7.06
C GLY A 13 10.98 6.91 7.49
N GLY A 14 10.60 6.53 8.70
CA GLY A 14 10.98 5.24 9.25
C GLY A 14 9.84 4.24 9.39
N GLY A 15 8.89 4.30 8.46
CA GLY A 15 7.77 3.37 8.50
C GLY A 15 8.16 1.98 8.02
N PHE A 16 7.17 1.21 7.60
CA PHE A 16 7.43 -0.13 7.09
C PHE A 16 8.30 -0.08 5.84
N ALA A 17 8.13 0.97 5.05
CA ALA A 17 8.91 1.15 3.83
C ALA A 17 10.33 1.62 4.15
N GLY A 18 10.43 2.64 5.00
CA GLY A 18 11.71 3.21 5.37
C GLY A 18 12.63 2.24 6.08
N SER A 19 12.09 1.53 7.07
CA SER A 19 12.89 0.58 7.84
C SER A 19 13.29 -0.64 7.01
N SER A 20 12.51 -0.92 5.98
CA SER A 20 12.80 -2.02 5.08
C SER A 20 14.01 -1.67 4.21
N ALA A 21 14.06 -0.42 3.75
CA ALA A 21 15.18 0.07 2.96
C ALA A 21 16.46 0.06 3.79
N ALA A 22 16.36 0.54 5.03
CA ALA A 22 17.52 0.62 5.92
C ALA A 22 18.05 -0.76 6.28
N TYR A 23 17.14 -1.70 6.52
CA TYR A 23 17.54 -3.06 6.87
C TYR A 23 18.27 -3.73 5.72
N GLN A 24 17.76 -3.55 4.51
CA GLN A 24 18.32 -4.19 3.33
C GLN A 24 19.64 -3.56 2.89
N LEU A 25 19.81 -2.27 3.15
CA LEU A 25 21.02 -1.56 2.75
C LEU A 25 22.17 -1.73 3.74
N SER A 26 21.85 -2.20 4.94
CA SER A 26 22.84 -2.32 6.02
C SER A 26 23.92 -3.34 5.71
N ARG A 27 25.12 -3.11 6.27
CA ARG A 27 26.27 -4.00 6.11
C ARG A 27 26.65 -4.20 4.64
N ARG A 28 26.71 -3.10 3.89
CA ARG A 28 27.09 -3.17 2.48
C ARG A 28 28.21 -2.19 2.16
N GLY A 29 28.71 -1.52 3.19
CA GLY A 29 29.82 -0.59 3.03
C GLY A 29 29.38 0.84 2.79
N LEU A 30 28.15 1.15 3.18
CA LEU A 30 27.61 2.49 2.98
C LEU A 30 27.30 3.19 4.31
N LYS A 31 27.41 4.52 4.32
CA LYS A 31 27.11 5.33 5.49
C LYS A 31 25.68 5.86 5.40
N ILE A 32 24.79 5.33 6.24
CA ILE A 32 23.36 5.59 6.10
C ILE A 32 22.75 6.35 7.27
N LEU A 33 21.88 7.30 6.96
CA LEU A 33 21.11 8.01 7.97
C LEU A 33 19.62 7.92 7.68
N LEU A 34 18.84 7.52 8.69
CA LEU A 34 17.39 7.50 8.56
C LEU A 34 16.77 8.42 9.61
N VAL A 35 15.75 9.17 9.20
CA VAL A 35 15.08 10.10 10.11
C VAL A 35 13.58 9.86 10.15
N ASP A 36 12.96 10.28 11.25
CA ASP A 36 11.52 10.18 11.42
C ASP A 36 11.08 11.18 12.48
N SER A 37 10.06 11.98 12.15
CA SER A 37 9.58 13.04 13.03
C SER A 37 9.05 12.49 14.35
N LYS A 38 8.50 11.28 14.33
CA LYS A 38 7.94 10.68 15.53
C LYS A 38 9.03 10.23 16.48
N PRO A 39 8.76 10.30 17.79
CA PRO A 39 9.67 9.73 18.78
C PRO A 39 9.82 8.22 18.56
N TRP A 40 10.92 7.65 19.02
CA TRP A 40 11.23 6.24 18.80
C TRP A 40 10.06 5.31 19.10
N ASN A 41 9.52 5.43 20.32
CA ASN A 41 8.48 4.54 20.79
C ASN A 41 7.16 4.67 20.02
N ARG A 42 7.04 5.73 19.22
CA ARG A 42 5.81 5.95 18.46
C ARG A 42 5.98 5.70 16.97
N ILE A 43 7.20 5.35 16.54
CA ILE A 43 7.47 5.17 15.13
C ILE A 43 6.71 3.97 14.56
N GLY A 44 5.88 4.24 13.55
CA GLY A 44 5.12 3.20 12.88
C GLY A 44 3.79 2.91 13.55
N ASP A 45 3.10 3.95 14.01
CA ASP A 45 1.81 3.78 14.68
C ASP A 45 0.67 4.46 13.90
N LYS A 46 0.91 4.69 12.62
CA LYS A 46 -0.12 5.25 11.74
C LYS A 46 -1.34 4.31 11.72
N PRO A 47 -2.55 4.89 11.73
CA PRO A 47 -3.81 4.13 11.65
C PRO A 47 -3.75 3.01 10.62
N CYS A 48 -3.76 1.77 11.10
CA CYS A 48 -3.62 0.60 10.24
C CYS A 48 -4.44 -0.57 10.76
N GLY A 49 -4.77 -1.50 9.88
CA GLY A 49 -5.44 -2.72 10.28
C GLY A 49 -4.47 -3.69 10.92
N ASP A 50 -3.19 -3.48 10.64
CA ASP A 50 -2.09 -4.29 11.19
C ASP A 50 -2.11 -5.73 10.69
N ALA A 51 -2.76 -5.95 9.54
CA ALA A 51 -2.84 -7.28 8.95
C ALA A 51 -1.92 -7.40 7.74
N VAL A 52 -0.96 -8.31 7.82
CA VAL A 52 0.03 -8.49 6.75
C VAL A 52 0.14 -9.95 6.33
N SER A 53 0.23 -10.17 5.02
CA SER A 53 0.36 -11.52 4.45
C SER A 53 1.67 -12.18 4.89
N LYS A 54 1.62 -13.49 5.06
CA LYS A 54 2.80 -14.26 5.47
C LYS A 54 3.78 -14.43 4.32
N ALA A 55 3.26 -14.43 3.10
CA ALA A 55 4.08 -14.65 1.91
C ALA A 55 5.12 -13.54 1.70
N HIS A 56 4.81 -12.34 2.20
CA HIS A 56 5.71 -11.20 2.05
C HIS A 56 7.03 -11.38 2.79
N PHE A 57 6.96 -11.87 4.02
CA PHE A 57 8.14 -12.02 4.86
C PHE A 57 9.11 -13.06 4.32
N ASP A 58 8.56 -14.17 3.83
CA ASP A 58 9.36 -15.25 3.26
C ASP A 58 10.19 -14.75 2.08
N LYS A 59 9.51 -14.16 1.11
CA LYS A 59 10.11 -13.68 -0.13
C LYS A 59 11.36 -12.82 0.09
N LEU A 60 11.20 -11.75 0.86
CA LEU A 60 12.26 -10.76 1.02
C LEU A 60 13.36 -11.20 2.00
N GLY A 61 13.05 -12.18 2.84
CA GLY A 61 13.98 -12.62 3.86
C GLY A 61 14.01 -11.64 5.03
N MET A 62 12.83 -11.20 5.43
CA MET A 62 12.69 -10.27 6.55
C MET A 62 12.44 -11.04 7.84
N PRO A 63 12.75 -10.43 9.00
CA PRO A 63 12.48 -11.09 10.29
C PRO A 63 11.00 -11.37 10.51
N TYR A 64 10.67 -12.60 10.89
CA TYR A 64 9.31 -12.98 11.23
C TYR A 64 8.85 -12.24 12.48
N PRO A 65 7.55 -11.90 12.54
CA PRO A 65 6.95 -11.37 13.77
C PRO A 65 7.22 -12.29 14.95
N LYS A 66 7.77 -11.74 16.04
CA LYS A 66 8.19 -12.55 17.17
C LYS A 66 7.59 -12.08 18.49
N GLY A 67 6.99 -13.02 19.23
CA GLY A 67 6.47 -12.74 20.55
C GLY A 67 5.43 -11.63 20.61
N GLU A 68 5.75 -10.57 21.35
CA GLU A 68 4.84 -9.45 21.54
C GLU A 68 4.50 -8.74 20.23
N GLU A 69 5.37 -8.90 19.24
CA GLU A 69 5.14 -8.31 17.92
C GLU A 69 3.99 -9.01 17.22
N LEU A 70 3.80 -10.28 17.52
CA LEU A 70 2.70 -11.06 16.95
C LEU A 70 1.55 -11.19 17.93
N GLU A 71 0.47 -10.45 17.69
CA GLU A 71 -0.68 -10.44 18.59
C GLU A 71 -1.65 -11.58 18.30
N ASN A 72 -1.82 -11.90 17.02
CA ASN A 72 -2.76 -12.94 16.61
C ASN A 72 -2.39 -13.56 15.27
N LYS A 73 -2.28 -14.88 15.25
CA LYS A 73 -1.98 -15.63 14.03
C LYS A 73 -3.23 -15.74 13.15
N ILE A 74 -3.05 -15.52 11.85
CA ILE A 74 -4.16 -15.50 10.90
C ILE A 74 -4.06 -16.65 9.90
N ASN A 75 -5.17 -17.34 9.65
CA ASN A 75 -5.20 -18.49 8.76
C ASN A 75 -6.01 -18.29 7.49
N GLY A 76 -6.80 -17.21 7.44
CA GLY A 76 -7.63 -16.94 6.28
C GLY A 76 -8.58 -15.77 6.42
N ILE A 77 -9.41 -15.56 5.40
CA ILE A 77 -10.30 -14.41 5.34
C ILE A 77 -11.73 -14.80 4.97
N LYS A 78 -12.70 -14.22 5.68
CA LYS A 78 -14.11 -14.43 5.37
C LYS A 78 -14.73 -13.21 4.69
N LEU A 79 -15.06 -13.36 3.41
CA LEU A 79 -15.64 -12.26 2.63
C LEU A 79 -17.17 -12.32 2.64
N TYR A 80 -17.80 -11.41 3.38
CA TYR A 80 -19.26 -11.38 3.49
C TYR A 80 -19.90 -10.51 2.41
N SER A 81 -20.97 -11.02 1.82
CA SER A 81 -21.74 -10.27 0.83
C SER A 81 -22.59 -9.20 1.52
N PRO A 82 -23.08 -8.20 0.76
CA PRO A 82 -23.94 -7.15 1.31
C PRO A 82 -25.11 -7.65 2.16
N ASP A 83 -25.90 -8.60 1.65
CA ASP A 83 -27.01 -9.13 2.44
C ASP A 83 -26.53 -10.23 3.40
N MET A 84 -25.24 -10.53 3.35
CA MET A 84 -24.59 -11.49 4.23
C MET A 84 -25.13 -12.90 4.12
N GLN A 85 -25.76 -13.22 2.98
CA GLN A 85 -26.30 -14.56 2.74
C GLN A 85 -25.24 -15.47 2.15
N THR A 86 -24.09 -14.90 1.78
CA THR A 86 -23.01 -15.65 1.17
C THR A 86 -21.67 -15.32 1.82
N VAL A 87 -21.01 -16.33 2.37
CA VAL A 87 -19.73 -16.11 3.02
C VAL A 87 -18.61 -16.92 2.36
N TRP A 88 -17.72 -16.21 1.65
CA TRP A 88 -16.57 -16.85 1.03
C TRP A 88 -15.43 -16.98 2.02
N THR A 89 -14.93 -18.22 2.18
CA THR A 89 -13.78 -18.45 3.04
C THR A 89 -12.53 -18.71 2.21
N VAL A 90 -11.62 -17.75 2.22
CA VAL A 90 -10.37 -17.88 1.48
C VAL A 90 -9.21 -18.22 2.42
N ASN A 91 -8.62 -19.40 2.22
CA ASN A 91 -7.47 -19.82 3.01
C ASN A 91 -6.19 -19.12 2.56
N HIS A 92 -5.64 -18.30 3.45
CA HIS A 92 -4.41 -17.56 3.16
C HIS A 92 -3.74 -17.14 4.46
N GLU A 93 -2.58 -17.72 4.73
CA GLU A 93 -1.88 -17.51 6.00
C GLU A 93 -1.33 -16.09 6.12
N GLY A 94 -1.38 -15.53 7.32
CA GLY A 94 -0.92 -14.18 7.56
C GLY A 94 -0.73 -13.84 9.04
N PHE A 95 -0.48 -12.57 9.33
CA PHE A 95 -0.23 -12.12 10.69
C PHE A 95 -1.05 -10.88 11.06
N GLU A 96 -1.55 -10.87 12.29
CA GLU A 96 -2.08 -9.65 12.90
C GLU A 96 -1.08 -9.19 13.95
N LEU A 97 -0.30 -8.16 13.62
CA LEU A 97 0.86 -7.82 14.43
C LEU A 97 0.73 -6.48 15.17
N ASN A 98 1.57 -6.32 16.19
CA ASN A 98 1.75 -5.04 16.85
C ASN A 98 2.67 -4.18 15.99
N ALA A 99 2.06 -3.44 15.06
CA ALA A 99 2.79 -2.71 14.02
C ALA A 99 3.92 -1.80 14.55
N PRO A 100 3.66 -0.97 15.59
CA PRO A 100 4.77 -0.14 16.03
C PRO A 100 5.90 -0.96 16.67
N LEU A 101 5.52 -2.02 17.38
CA LEU A 101 6.48 -2.85 18.10
C LEU A 101 7.42 -3.58 17.15
N TYR A 102 6.87 -4.08 16.06
CA TYR A 102 7.66 -4.78 15.06
C TYR A 102 8.55 -3.82 14.29
N ASN A 103 7.96 -2.69 13.88
CA ASN A 103 8.67 -1.66 13.13
C ASN A 103 9.91 -1.17 13.86
N GLN A 104 9.77 -0.97 15.17
CA GLN A 104 10.88 -0.46 15.97
C GLN A 104 11.97 -1.52 16.15
N ARG A 105 11.57 -2.78 16.16
CA ARG A 105 12.53 -3.89 16.22
C ARG A 105 13.39 -3.91 14.97
N VAL A 106 12.74 -3.78 13.82
CA VAL A 106 13.44 -3.72 12.53
C VAL A 106 14.46 -2.58 12.51
N LEU A 107 14.05 -1.43 13.04
CA LEU A 107 14.94 -0.29 13.14
C LEU A 107 16.08 -0.57 14.14
N LYS A 108 15.72 -1.14 15.28
CA LYS A 108 16.69 -1.49 16.32
C LYS A 108 17.79 -2.39 15.78
N GLU A 109 17.43 -3.27 14.85
CA GLU A 109 18.39 -4.21 14.28
C GLU A 109 19.24 -3.57 13.18
N ALA A 110 18.61 -2.74 12.35
CA ALA A 110 19.33 -2.01 11.32
C ALA A 110 20.35 -1.06 11.94
N GLN A 111 20.01 -0.56 13.13
CA GLN A 111 20.90 0.30 13.89
C GLN A 111 22.11 -0.49 14.35
N ASP A 112 21.88 -1.76 14.69
CA ASP A 112 22.96 -2.65 15.10
C ASP A 112 23.86 -3.01 13.93
N ARG A 113 23.28 -3.05 12.73
CA ARG A 113 24.03 -3.42 11.54
C ARG A 113 24.72 -2.22 10.90
N GLY A 114 24.71 -1.08 11.59
CA GLY A 114 25.48 0.07 11.15
C GLY A 114 24.70 1.34 10.88
N VAL A 115 23.43 1.19 10.50
CA VAL A 115 22.61 2.34 10.12
C VAL A 115 22.38 3.29 11.31
N GLU A 116 22.45 4.58 11.04
CA GLU A 116 22.20 5.59 12.07
C GLU A 116 20.77 6.10 11.98
N ILE A 117 20.09 6.15 13.13
CA ILE A 117 18.70 6.59 13.16
C ILE A 117 18.50 7.75 14.14
N TRP A 118 17.86 8.81 13.64
CA TRP A 118 17.51 9.96 14.47
C TRP A 118 15.99 10.11 14.55
N ASP A 119 15.44 9.97 15.76
CA ASP A 119 14.03 10.25 15.97
C ASP A 119 13.84 11.72 16.27
N LEU A 120 12.58 12.18 16.26
CA LEU A 120 12.26 13.60 16.40
C LEU A 120 13.01 14.47 15.39
N THR A 121 13.14 13.98 14.16
CA THR A 121 13.84 14.73 13.12
C THR A 121 13.00 14.82 11.86
N THR A 122 12.89 16.02 11.30
CA THR A 122 12.04 16.27 10.15
C THR A 122 12.81 16.82 8.95
N ALA A 123 12.64 16.19 7.79
CA ALA A 123 13.14 16.75 6.56
C ALA A 123 12.29 17.95 6.17
N MET A 124 12.89 19.14 6.20
CA MET A 124 12.16 20.38 6.04
C MET A 124 12.24 20.94 4.62
N LYS A 125 13.44 20.93 4.05
CA LYS A 125 13.65 21.43 2.70
C LYS A 125 14.53 20.49 1.89
N PRO A 126 14.06 20.12 0.70
CA PRO A 126 14.89 19.32 -0.20
C PRO A 126 16.04 20.17 -0.73
N ILE A 127 17.27 19.70 -0.53
CA ILE A 127 18.39 20.35 -1.18
C ILE A 127 18.40 19.94 -2.63
N PHE A 128 18.18 20.91 -3.51
CA PHE A 128 18.11 20.64 -4.94
C PHE A 128 18.96 21.65 -5.70
N GLU A 129 20.18 21.26 -6.02
CA GLU A 129 21.10 22.12 -6.74
C GLU A 129 21.71 21.39 -7.93
N ASP A 130 21.87 22.10 -9.04
CA ASP A 130 22.38 21.53 -10.29
C ASP A 130 21.56 20.34 -10.76
N GLY A 131 20.24 20.46 -10.62
CA GLY A 131 19.31 19.48 -11.14
C GLY A 131 19.31 18.12 -10.46
N TYR A 132 19.83 18.06 -9.25
CA TYR A 132 19.88 16.79 -8.50
C TYR A 132 19.40 16.94 -7.07
N VAL A 133 18.70 15.93 -6.56
CA VAL A 133 18.43 15.82 -5.14
C VAL A 133 19.71 15.39 -4.42
N LYS A 134 20.29 16.29 -3.63
CA LYS A 134 21.58 16.01 -3.02
C LYS A 134 21.52 16.03 -1.50
N GLY A 135 20.34 15.76 -0.95
CA GLY A 135 20.17 15.73 0.49
C GLY A 135 18.95 16.50 0.95
N ALA A 136 19.00 17.01 2.18
CA ALA A 136 17.89 17.76 2.74
C ALA A 136 18.31 18.55 3.97
N VAL A 137 17.51 19.54 4.34
CA VAL A 137 17.70 20.25 5.59
C VAL A 137 16.84 19.62 6.67
N LEU A 138 17.47 19.16 7.74
CA LEU A 138 16.75 18.46 8.81
C LEU A 138 16.65 19.30 10.08
N PHE A 139 15.56 19.11 10.82
CA PHE A 139 15.39 19.75 12.11
C PHE A 139 15.35 18.70 13.22
N ASN A 140 16.40 18.66 14.04
CA ASN A 140 16.46 17.71 15.14
C ASN A 140 15.88 18.31 16.41
N ARG A 141 14.62 18.00 16.69
CA ARG A 141 13.91 18.57 17.83
C ARG A 141 14.50 18.10 19.16
N ARG A 142 15.28 17.02 19.11
CA ARG A 142 16.01 16.52 20.28
C ARG A 142 16.95 17.57 20.83
N THR A 143 17.64 18.27 19.92
CA THR A 143 18.64 19.25 20.32
C THR A 143 18.33 20.64 19.77
N ASN A 144 17.13 20.82 19.25
CA ASN A 144 16.69 22.09 18.66
C ASN A 144 17.69 22.64 17.65
N GLU A 145 18.21 21.76 16.79
CA GLU A 145 19.26 22.13 15.86
C GLU A 145 18.85 21.91 14.41
N GLU A 146 19.14 22.90 13.57
CA GLU A 146 18.99 22.75 12.14
C GLU A 146 20.28 22.21 11.53
N LEU A 147 20.21 21.00 10.97
CA LEU A 147 21.37 20.41 10.34
C LEU A 147 21.12 20.18 8.86
N THR A 148 22.17 20.38 8.05
CA THR A 148 22.09 20.16 6.62
C THR A 148 22.80 18.87 6.26
N VAL A 149 22.03 17.87 5.81
CA VAL A 149 22.58 16.57 5.48
C VAL A 149 22.69 16.37 3.97
N TYR A 150 23.90 16.05 3.52
CA TYR A 150 24.13 15.74 2.11
C TYR A 150 24.13 14.23 1.88
N SER A 151 23.60 13.82 0.74
CA SER A 151 23.51 12.42 0.39
C SER A 151 23.59 12.22 -1.11
N LYS A 152 24.09 11.06 -1.53
CA LYS A 152 24.11 10.74 -2.95
C LYS A 152 22.72 10.33 -3.42
N VAL A 153 21.97 9.65 -2.55
CA VAL A 153 20.62 9.20 -2.85
C VAL A 153 19.67 9.44 -1.68
N VAL A 154 18.55 10.09 -1.93
CA VAL A 154 17.53 10.27 -0.92
C VAL A 154 16.41 9.26 -1.09
N VAL A 155 16.11 8.52 -0.03
CA VAL A 155 15.00 7.59 -0.04
C VAL A 155 13.76 8.24 0.57
N GLU A 156 12.78 8.52 -0.27
CA GLU A 156 11.54 9.14 0.19
C GLU A 156 10.54 8.09 0.67
N ALA A 157 10.33 8.05 1.98
CA ALA A 157 9.43 7.07 2.59
C ALA A 157 8.51 7.77 3.60
N THR A 158 7.99 8.92 3.22
CA THR A 158 7.26 9.78 4.13
C THR A 158 5.79 9.41 4.30
N GLY A 159 5.36 8.34 3.64
CA GLY A 159 3.98 7.89 3.72
C GLY A 159 3.06 8.67 2.79
N TYR A 160 1.76 8.64 3.07
CA TYR A 160 0.78 9.24 2.18
C TYR A 160 0.86 10.76 2.11
N SER A 161 1.56 11.36 3.08
CA SER A 161 1.70 12.81 3.14
C SER A 161 2.60 13.34 2.04
N ARG A 162 3.62 12.55 1.66
CA ARG A 162 4.58 12.96 0.64
C ARG A 162 5.20 14.32 1.00
N SER A 163 5.49 14.50 2.27
CA SER A 163 5.86 15.82 2.78
C SER A 163 7.19 16.34 2.24
N PHE A 164 8.02 15.43 1.75
CA PHE A 164 9.33 15.82 1.25
C PHE A 164 9.33 16.06 -0.25
N ARG A 165 8.95 15.04 -1.02
CA ARG A 165 9.02 15.10 -2.47
C ARG A 165 8.05 16.13 -3.08
N SER A 166 7.02 16.50 -2.32
CA SER A 166 6.07 17.49 -2.81
C SER A 166 6.69 18.89 -2.83
N LYS A 167 7.83 19.03 -2.15
CA LYS A 167 8.54 20.30 -2.08
C LYS A 167 9.62 20.38 -3.16
N LEU A 168 9.61 19.43 -4.08
CA LEU A 168 10.52 19.44 -5.22
C LEU A 168 9.84 20.14 -6.40
N PRO A 169 10.64 20.67 -7.35
CA PRO A 169 10.08 21.34 -8.53
C PRO A 169 9.09 20.46 -9.29
N PRO A 170 8.05 21.08 -9.86
CA PRO A 170 6.91 20.39 -10.47
C PRO A 170 7.19 19.80 -11.85
N GLU A 171 8.42 19.88 -12.33
CA GLU A 171 8.76 19.30 -13.62
C GLU A 171 9.37 17.92 -13.45
N LEU A 172 9.80 17.61 -12.23
CA LEU A 172 10.31 16.28 -11.93
C LEU A 172 9.17 15.27 -11.94
N PRO A 173 9.32 14.19 -12.71
CA PRO A 173 8.33 13.12 -12.75
C PRO A 173 8.07 12.52 -11.36
N ILE A 174 9.04 12.70 -10.48
CA ILE A 174 9.01 12.12 -9.14
C ILE A 174 8.09 12.89 -8.19
N THR A 175 7.48 13.96 -8.69
CA THR A 175 6.54 14.76 -7.89
C THR A 175 5.10 14.55 -8.32
N GLU A 176 4.85 13.43 -9.01
CA GLU A 176 3.51 13.10 -9.48
C GLU A 176 2.51 13.03 -8.34
N ASP A 177 1.38 13.72 -8.50
CA ASP A 177 0.34 13.75 -7.49
C ASP A 177 -0.79 12.77 -7.84
N LEU A 178 -1.58 12.38 -6.84
CA LEU A 178 -2.68 11.48 -7.09
C LEU A 178 -4.01 12.23 -7.15
N ASP A 179 -4.90 11.76 -8.01
CA ASP A 179 -6.26 12.31 -8.05
C ASP A 179 -6.99 11.87 -6.80
N ASP A 180 -7.97 12.67 -6.37
CA ASP A 180 -8.76 12.34 -5.20
C ASP A 180 -9.41 10.97 -5.31
N LYS A 181 -9.96 10.69 -6.50
CA LYS A 181 -10.67 9.44 -6.74
C LYS A 181 -9.73 8.23 -6.84
N ASP A 182 -8.43 8.46 -6.90
CA ASP A 182 -7.46 7.38 -6.91
C ASP A 182 -6.94 7.08 -5.50
N ALA A 183 -7.73 7.45 -4.50
CA ALA A 183 -7.39 7.17 -3.12
C ALA A 183 -8.65 6.94 -2.28
N ASP A 184 -8.49 6.23 -1.17
CA ASP A 184 -9.58 6.03 -0.23
C ASP A 184 -9.23 6.59 1.14
N VAL A 185 -10.21 7.17 1.82
CA VAL A 185 -10.02 7.55 3.21
C VAL A 185 -10.53 6.40 4.07
N ALA A 186 -9.71 5.97 5.03
CA ALA A 186 -10.04 4.82 5.85
C ALA A 186 -9.90 5.15 7.33
N TYR A 187 -10.76 4.55 8.15
CA TYR A 187 -10.81 4.81 9.59
C TYR A 187 -10.92 3.49 10.34
N ARG A 188 -10.29 3.41 11.51
CA ARG A 188 -10.34 2.17 12.28
C ARG A 188 -10.27 2.40 13.79
N GLU A 189 -10.75 1.43 14.55
CA GLU A 189 -10.65 1.44 16.00
C GLU A 189 -10.26 0.05 16.50
N VAL A 190 -9.73 -0.02 17.72
CA VAL A 190 -9.40 -1.30 18.35
C VAL A 190 -10.03 -1.38 19.73
N LEU A 191 -11.05 -2.22 19.87
CA LEU A 191 -11.77 -2.35 21.13
C LEU A 191 -11.74 -3.79 21.66
N LEU A 192 -12.14 -3.96 22.90
CA LEU A 192 -12.29 -5.29 23.50
C LEU A 192 -13.74 -5.74 23.42
N THR A 193 -13.95 -7.05 23.25
CA THR A 193 -15.29 -7.59 23.12
C THR A 193 -15.79 -8.18 24.44
N LYS A 194 -17.10 -8.08 24.68
CA LYS A 194 -17.71 -8.61 25.89
C LYS A 194 -17.63 -10.13 25.92
N GLU A 195 -18.08 -10.76 24.85
CA GLU A 195 -17.96 -12.20 24.69
C GLU A 195 -16.78 -12.49 23.77
N ASP A 196 -16.52 -13.78 23.52
CA ASP A 196 -15.39 -14.16 22.68
C ASP A 196 -15.63 -13.87 21.21
N ILE A 197 -14.69 -14.26 20.37
CA ILE A 197 -14.75 -14.02 18.94
C ILE A 197 -14.71 -15.32 18.15
N GLU A 198 -15.83 -15.65 17.51
CA GLU A 198 -15.92 -16.85 16.69
C GLU A 198 -14.96 -16.79 15.51
N ASP A 199 -14.20 -17.87 15.31
CA ASP A 199 -13.18 -17.94 14.26
C ASP A 199 -12.26 -16.72 14.30
N HIS A 200 -11.54 -16.58 15.41
CA HIS A 200 -10.72 -15.40 15.64
C HIS A 200 -9.42 -15.44 14.83
N ASP A 201 -9.13 -16.59 14.24
CA ASP A 201 -7.96 -16.72 13.38
C ASP A 201 -8.30 -16.37 11.94
N TYR A 202 -9.52 -15.86 11.73
CA TYR A 202 -9.97 -15.48 10.39
C TYR A 202 -10.33 -14.00 10.33
N LEU A 203 -9.93 -13.36 9.25
CA LEU A 203 -10.28 -11.96 9.00
C LEU A 203 -11.65 -11.87 8.35
N ARG A 204 -12.41 -10.84 8.68
CA ARG A 204 -13.73 -10.66 8.11
C ARG A 204 -13.79 -9.37 7.28
N ILE A 205 -14.21 -9.50 6.03
CA ILE A 205 -14.37 -8.34 5.16
C ILE A 205 -15.80 -8.26 4.64
N PHE A 206 -16.44 -7.13 4.84
CA PHE A 206 -17.83 -6.95 4.43
C PHE A 206 -17.96 -5.99 3.26
N ILE A 207 -18.31 -6.52 2.10
CA ILE A 207 -18.63 -5.68 0.94
C ILE A 207 -20.05 -5.11 1.10
N ASP A 208 -20.17 -3.80 0.93
CA ASP A 208 -21.47 -3.12 1.05
C ASP A 208 -21.33 -1.67 0.59
N GLN A 209 -21.86 -1.37 -0.60
CA GLN A 209 -21.68 -0.06 -1.20
C GLN A 209 -22.50 1.03 -0.51
N GLU A 210 -23.41 0.64 0.37
CA GLU A 210 -24.23 1.60 1.10
C GLU A 210 -23.57 2.01 2.42
N THR A 211 -22.85 1.09 3.04
CA THR A 211 -22.26 1.34 4.35
C THR A 211 -20.78 1.71 4.24
N SER A 212 -20.21 1.56 3.05
CA SER A 212 -18.82 1.91 2.80
C SER A 212 -18.54 1.99 1.30
N PRO A 213 -19.14 2.97 0.60
CA PRO A 213 -19.05 3.07 -0.86
C PRO A 213 -17.62 3.22 -1.36
N GLY A 214 -17.23 2.38 -2.31
CA GLY A 214 -15.91 2.45 -2.92
C GLY A 214 -14.84 1.68 -2.18
N GLY A 215 -15.16 1.21 -0.98
CA GLY A 215 -14.22 0.42 -0.19
C GLY A 215 -14.92 -0.78 0.40
N TYR A 216 -14.74 -0.98 1.71
CA TYR A 216 -15.50 -2.00 2.44
C TYR A 216 -15.35 -1.85 3.95
N TRP A 217 -16.02 -2.73 4.68
CA TRP A 217 -15.87 -2.83 6.14
C TRP A 217 -14.98 -4.02 6.48
N TRP A 218 -14.30 -3.96 7.62
CA TRP A 218 -13.50 -5.10 8.05
C TRP A 218 -13.58 -5.33 9.56
N TYR A 219 -13.38 -6.58 9.94
CA TYR A 219 -13.40 -7.03 11.32
C TYR A 219 -12.18 -7.92 11.55
N PHE A 220 -11.08 -7.31 11.99
CA PHE A 220 -9.82 -8.03 12.15
C PHE A 220 -9.53 -8.33 13.61
N PRO A 221 -9.63 -9.61 14.01
CA PRO A 221 -9.34 -10.00 15.39
C PRO A 221 -7.86 -9.90 15.73
N LYS A 222 -7.53 -9.07 16.73
CA LYS A 222 -6.15 -8.92 17.17
C LYS A 222 -5.81 -9.85 18.33
N GLY A 223 -6.72 -10.78 18.62
CA GLY A 223 -6.52 -11.72 19.70
C GLY A 223 -7.79 -12.51 20.00
N LYS A 224 -7.93 -12.94 21.25
CA LYS A 224 -9.07 -13.73 21.67
C LYS A 224 -10.30 -12.85 21.92
N ASN A 225 -10.06 -11.63 22.43
CA ASN A 225 -11.15 -10.73 22.77
C ASN A 225 -10.89 -9.28 22.36
N LYS A 226 -10.01 -9.10 21.36
CA LYS A 226 -9.64 -7.77 20.89
C LYS A 226 -9.71 -7.71 19.37
N VAL A 227 -10.36 -6.68 18.83
CA VAL A 227 -10.63 -6.62 17.40
C VAL A 227 -10.36 -5.25 16.78
N ASN A 228 -9.72 -5.27 15.61
CA ASN A 228 -9.51 -4.08 14.80
C ASN A 228 -10.63 -3.92 13.77
N VAL A 229 -11.65 -3.13 14.11
CA VAL A 229 -12.78 -2.92 13.22
C VAL A 229 -12.73 -1.52 12.57
N GLY A 230 -12.97 -1.47 11.27
CA GLY A 230 -12.97 -0.22 10.54
C GLY A 230 -13.51 -0.34 9.13
N LEU A 231 -13.46 0.76 8.38
CA LEU A 231 -13.98 0.79 7.03
C LEU A 231 -13.18 1.74 6.15
N GLY A 232 -13.43 1.66 4.84
CA GLY A 232 -12.81 2.56 3.89
C GLY A 232 -13.79 2.97 2.82
N ILE A 233 -13.69 4.21 2.36
CA ILE A 233 -14.58 4.74 1.32
C ILE A 233 -13.77 5.48 0.27
N GLN A 234 -14.21 5.42 -0.98
CA GLN A 234 -13.50 6.07 -2.06
C GLN A 234 -13.59 7.59 -1.94
N GLY A 235 -12.44 8.25 -1.99
CA GLY A 235 -12.39 9.70 -1.86
C GLY A 235 -12.74 10.41 -3.15
N GLY A 236 -12.96 11.72 -3.05
CA GLY A 236 -13.27 12.55 -4.20
C GLY A 236 -14.57 12.21 -4.90
N MET A 237 -15.54 11.72 -4.13
CA MET A 237 -16.83 11.32 -4.69
C MET A 237 -17.99 12.16 -4.16
N GLY A 238 -17.74 12.87 -3.06
CA GLY A 238 -18.76 13.71 -2.45
C GLY A 238 -19.31 13.08 -1.18
N TYR A 239 -18.83 11.88 -0.86
CA TYR A 239 -19.28 11.16 0.33
C TYR A 239 -19.03 11.96 1.60
N PRO A 240 -19.94 11.88 2.56
CA PRO A 240 -19.79 12.55 3.86
C PRO A 240 -18.58 12.04 4.64
N SER A 241 -18.33 12.66 5.80
CA SER A 241 -17.23 12.26 6.67
C SER A 241 -17.26 10.76 6.97
N ILE A 242 -16.08 10.16 7.03
CA ILE A 242 -15.99 8.71 7.22
C ILE A 242 -16.48 8.28 8.60
N HIS A 243 -16.27 9.13 9.61
CA HIS A 243 -16.69 8.80 10.96
C HIS A 243 -18.22 8.82 11.10
N GLU A 244 -18.91 9.33 10.08
CA GLU A 244 -20.37 9.30 10.06
C GLU A 244 -20.85 7.94 9.58
N TYR A 245 -20.20 7.42 8.54
CA TYR A 245 -20.45 6.06 8.09
C TYR A 245 -20.15 5.07 9.21
N TYR A 246 -19.00 5.27 9.85
CA TYR A 246 -18.55 4.40 10.92
C TYR A 246 -19.55 4.35 12.08
N LYS A 247 -19.96 5.53 12.54
CA LYS A 247 -20.86 5.62 13.69
C LYS A 247 -22.23 5.01 13.38
N LYS A 248 -22.67 5.17 12.13
CA LYS A 248 -24.00 4.73 11.72
C LYS A 248 -24.10 3.22 11.56
N TYR A 249 -23.02 2.58 11.14
CA TYR A 249 -23.07 1.14 10.82
C TYR A 249 -22.11 0.28 11.65
N LEU A 250 -21.64 0.81 12.78
CA LEU A 250 -20.70 0.06 13.61
C LEU A 250 -21.31 -1.22 14.16
N ASP A 251 -22.48 -1.11 14.80
CA ASP A 251 -23.13 -2.24 15.43
C ASP A 251 -23.48 -3.33 14.43
N LYS A 252 -23.67 -2.95 13.17
CA LYS A 252 -24.04 -3.89 12.11
C LYS A 252 -22.92 -4.90 11.86
N TYR A 253 -21.67 -4.46 12.02
CA TYR A 253 -20.53 -5.32 11.70
C TYR A 253 -19.75 -5.74 12.94
N ALA A 254 -20.00 -5.07 14.07
CA ALA A 254 -19.33 -5.42 15.31
C ALA A 254 -20.18 -5.05 16.53
N PRO A 255 -21.20 -5.86 16.83
CA PRO A 255 -22.06 -5.61 18.00
C PRO A 255 -21.48 -6.19 19.28
N ASP A 256 -20.51 -7.10 19.14
CA ASP A 256 -19.95 -7.81 20.29
C ASP A 256 -18.90 -7.00 21.03
N VAL A 257 -18.49 -5.87 20.46
CA VAL A 257 -17.47 -5.04 21.09
C VAL A 257 -18.04 -4.22 22.24
N ASP A 258 -17.20 -3.97 23.24
CA ASP A 258 -17.57 -3.08 24.34
C ASP A 258 -16.97 -1.70 24.06
N LYS A 259 -17.83 -0.72 23.81
CA LYS A 259 -17.38 0.60 23.39
C LYS A 259 -16.61 1.34 24.48
N SER A 260 -16.70 0.85 25.71
CA SER A 260 -16.00 1.48 26.83
C SER A 260 -14.55 0.98 26.94
N LYS A 261 -14.26 -0.11 26.25
CA LYS A 261 -12.91 -0.67 26.26
C LYS A 261 -12.16 -0.34 24.97
N LEU A 262 -12.19 0.92 24.58
CA LEU A 262 -11.49 1.38 23.38
C LEU A 262 -10.02 1.62 23.68
N LEU A 263 -9.16 1.20 22.75
CA LEU A 263 -7.73 1.34 22.93
C LEU A 263 -7.14 2.44 22.04
N VAL A 264 -7.39 2.34 20.73
CA VAL A 264 -6.93 3.35 19.79
C VAL A 264 -7.97 3.64 18.71
N LYS A 265 -7.98 4.87 18.23
CA LYS A 265 -8.88 5.27 17.13
C LYS A 265 -8.14 6.12 16.12
N GLY A 266 -8.89 6.72 15.19
CA GLY A 266 -8.30 7.59 14.19
C GLY A 266 -8.09 6.92 12.85
N GLY A 267 -8.06 7.72 11.78
CA GLY A 267 -7.89 7.18 10.44
C GLY A 267 -7.01 8.06 9.57
N ALA A 268 -6.72 7.58 8.37
CA ALA A 268 -5.87 8.33 7.44
C ALA A 268 -6.15 7.98 5.98
N LEU A 269 -5.45 8.64 5.08
CA LEU A 269 -5.61 8.42 3.66
C LEU A 269 -4.77 7.24 3.18
N VAL A 270 -5.28 6.50 2.21
CA VAL A 270 -4.55 5.39 1.60
C VAL A 270 -4.79 5.38 0.11
N PRO A 271 -3.71 5.45 -0.69
CA PRO A 271 -3.82 5.47 -2.15
C PRO A 271 -4.26 4.12 -2.71
N THR A 272 -5.11 4.14 -3.73
CA THR A 272 -5.57 2.89 -4.34
C THR A 272 -5.37 2.95 -5.85
N ARG A 273 -4.11 3.00 -6.27
CA ARG A 273 -3.78 3.09 -7.69
C ARG A 273 -2.46 2.39 -8.01
N ARG A 274 -2.11 2.41 -9.29
CA ARG A 274 -0.79 1.97 -9.75
C ARG A 274 0.30 2.80 -9.09
N PRO A 275 1.53 2.29 -9.03
CA PRO A 275 2.60 3.07 -8.41
C PRO A 275 3.00 4.29 -9.25
N LEU A 276 3.79 5.19 -8.68
CA LEU A 276 4.38 6.30 -9.43
C LEU A 276 4.97 5.80 -10.74
N TYR A 277 4.69 6.51 -11.83
CA TYR A 277 5.16 6.10 -13.15
C TYR A 277 6.67 5.87 -13.14
N THR A 278 7.38 6.65 -12.34
CA THR A 278 8.75 6.33 -11.98
C THR A 278 8.91 6.57 -10.48
N MET A 279 9.64 5.67 -9.83
CA MET A 279 9.87 5.78 -8.39
C MET A 279 11.30 6.22 -8.14
N ALA A 280 12.01 6.52 -9.22
CA ALA A 280 13.40 6.92 -9.14
C ALA A 280 13.70 8.07 -10.08
N TRP A 281 14.46 9.05 -9.58
CA TRP A 281 14.93 10.13 -10.43
C TRP A 281 16.32 10.56 -9.95
N ASN A 282 16.83 11.66 -10.51
CA ASN A 282 18.18 12.12 -10.21
C ASN A 282 18.35 12.30 -8.70
N GLY A 283 19.07 11.36 -8.08
CA GLY A 283 19.45 11.46 -6.69
C GLY A 283 18.35 11.13 -5.68
N ILE A 284 17.27 10.52 -6.14
CA ILE A 284 16.13 10.25 -5.26
C ILE A 284 15.31 9.01 -5.65
N ILE A 285 14.95 8.23 -4.64
CA ILE A 285 14.04 7.10 -4.80
C ILE A 285 12.84 7.27 -3.86
N VAL A 286 11.64 7.05 -4.38
CA VAL A 286 10.43 7.11 -3.56
C VAL A 286 9.85 5.72 -3.34
N ILE A 287 9.51 5.40 -2.10
CA ILE A 287 8.95 4.10 -1.75
C ILE A 287 7.73 4.23 -0.83
N GLY A 288 7.08 3.09 -0.57
CA GLY A 288 5.95 3.05 0.34
C GLY A 288 4.73 3.81 -0.15
N ASP A 289 3.93 4.30 0.78
CA ASP A 289 2.72 5.04 0.45
C ASP A 289 3.02 6.29 -0.39
N SER A 290 4.19 6.86 -0.20
CA SER A 290 4.58 8.07 -0.93
C SER A 290 4.73 7.79 -2.42
N GLY A 291 5.00 6.52 -2.76
CA GLY A 291 5.13 6.11 -4.14
C GLY A 291 3.95 5.29 -4.61
N PHE A 292 2.86 5.34 -3.84
CA PHE A 292 1.60 4.69 -4.16
C PHE A 292 1.77 3.17 -4.34
N THR A 293 2.32 2.52 -3.33
CA THR A 293 2.63 1.10 -3.41
C THR A 293 1.54 0.23 -2.77
N VAL A 294 0.36 0.78 -2.58
CA VAL A 294 -0.74 0.04 -1.96
C VAL A 294 -1.50 -0.80 -2.98
N ASN A 295 -1.85 -2.03 -2.62
CA ASN A 295 -2.72 -2.87 -3.43
C ASN A 295 -4.06 -2.16 -3.65
N PRO A 296 -4.41 -1.91 -4.91
CA PRO A 296 -5.64 -1.18 -5.25
C PRO A 296 -6.95 -1.93 -4.95
N VAL A 297 -6.90 -3.23 -4.68
CA VAL A 297 -8.13 -4.01 -4.47
C VAL A 297 -8.48 -4.24 -3.00
N HIS A 298 -7.55 -4.79 -2.23
CA HIS A 298 -7.85 -5.00 -0.80
C HIS A 298 -7.21 -3.93 0.07
N GLY A 299 -6.42 -3.06 -0.54
CA GLY A 299 -5.90 -1.88 0.15
C GLY A 299 -4.72 -2.15 1.08
N GLY A 300 -4.16 -3.35 1.02
CA GLY A 300 -2.98 -3.68 1.79
C GLY A 300 -1.76 -2.96 1.23
N GLY A 301 -0.95 -2.39 2.12
CA GLY A 301 0.20 -1.62 1.69
C GLY A 301 1.48 -1.85 2.48
N LYS A 302 1.40 -2.59 3.58
CA LYS A 302 2.58 -2.81 4.41
C LYS A 302 3.49 -3.88 3.82
N GLY A 303 2.89 -4.88 3.17
CA GLY A 303 3.66 -5.92 2.52
C GLY A 303 4.40 -5.39 1.33
N SER A 304 3.69 -4.69 0.45
CA SER A 304 4.28 -4.15 -0.77
C SER A 304 5.19 -2.94 -0.49
N ALA A 305 5.10 -2.38 0.71
CA ALA A 305 6.01 -1.32 1.11
C ALA A 305 7.39 -1.91 1.36
N MET A 306 7.43 -3.04 2.05
CA MET A 306 8.68 -3.75 2.31
C MET A 306 9.35 -4.14 1.00
N ILE A 307 8.54 -4.43 -0.01
CA ILE A 307 9.05 -4.78 -1.33
C ILE A 307 9.71 -3.58 -2.00
N SER A 308 9.08 -2.42 -1.88
CA SER A 308 9.62 -1.19 -2.44
C SER A 308 10.95 -0.84 -1.77
N GLY A 309 11.05 -1.14 -0.48
CA GLY A 309 12.27 -0.91 0.27
C GLY A 309 13.38 -1.84 -0.16
N TYR A 310 13.01 -3.10 -0.43
CA TYR A 310 13.95 -4.08 -0.94
C TYR A 310 14.49 -3.63 -2.30
N CYS A 311 13.59 -3.28 -3.20
CA CYS A 311 13.96 -2.84 -4.54
C CYS A 311 14.77 -1.55 -4.51
N ALA A 312 14.63 -0.78 -3.43
CA ALA A 312 15.35 0.48 -3.28
C ALA A 312 16.80 0.24 -2.91
N ALA A 313 17.03 -0.75 -2.04
CA ALA A 313 18.38 -1.12 -1.66
C ALA A 313 19.12 -1.69 -2.86
N LYS A 314 18.43 -2.57 -3.58
CA LYS A 314 18.97 -3.20 -4.77
C LYS A 314 19.42 -2.17 -5.81
N ALA A 315 18.58 -1.16 -6.03
CA ALA A 315 18.88 -0.13 -7.02
C ALA A 315 20.04 0.75 -6.58
N ILE A 316 20.07 1.09 -5.30
CA ILE A 316 21.10 1.96 -4.75
C ILE A 316 22.48 1.29 -4.77
N LEU A 317 22.53 0.02 -4.38
CA LEU A 317 23.77 -0.74 -4.42
C LEU A 317 24.31 -0.85 -5.85
N SER A 318 23.38 -0.83 -6.82
CA SER A 318 23.76 -0.84 -8.23
C SER A 318 24.38 0.50 -8.62
N ALA A 319 23.74 1.58 -8.17
CA ALA A 319 24.17 2.94 -8.50
C ALA A 319 25.57 3.24 -7.98
N PHE A 320 25.87 2.75 -6.78
CA PHE A 320 27.19 2.97 -6.19
C PHE A 320 28.27 2.15 -6.88
N GLU A 321 27.87 1.01 -7.45
CA GLU A 321 28.82 0.18 -8.19
C GLU A 321 29.11 0.75 -9.56
N THR A 322 28.32 1.73 -9.98
CA THR A 322 28.54 2.38 -11.26
C THR A 322 28.79 3.88 -11.10
N GLY A 323 28.82 4.34 -9.85
CA GLY A 323 29.02 5.75 -9.55
C GLY A 323 28.01 6.65 -10.23
N ASP A 324 26.87 6.07 -10.60
CA ASP A 324 25.86 6.76 -11.39
C ASP A 324 24.57 6.88 -10.60
N PHE A 325 24.26 8.09 -10.15
CA PHE A 325 23.09 8.33 -9.31
C PHE A 325 22.03 9.12 -10.06
N SER A 326 22.12 9.12 -11.38
CA SER A 326 21.07 9.71 -12.20
C SER A 326 19.83 8.83 -12.15
N ALA A 327 18.77 9.24 -12.86
CA ALA A 327 17.59 8.41 -12.98
C ALA A 327 17.99 7.07 -13.60
N SER A 328 18.80 7.14 -14.65
CA SER A 328 19.31 5.95 -15.32
C SER A 328 20.09 5.06 -14.36
N GLY A 329 20.88 5.69 -13.50
CA GLY A 329 21.70 4.97 -12.55
C GLY A 329 20.91 4.31 -11.44
N LEU A 330 19.68 4.78 -11.24
CA LEU A 330 18.82 4.23 -10.19
C LEU A 330 17.62 3.52 -10.80
N TRP A 331 17.58 3.46 -12.12
CA TRP A 331 16.40 3.00 -12.87
C TRP A 331 15.99 1.57 -12.57
N ASP A 332 16.89 0.78 -12.00
CA ASP A 332 16.60 -0.62 -11.71
C ASP A 332 15.56 -0.73 -10.61
N MET A 333 15.35 0.36 -9.88
CA MET A 333 14.30 0.46 -8.87
C MET A 333 12.93 0.18 -9.48
N ASN A 334 12.69 0.77 -10.65
CA ASN A 334 11.43 0.60 -11.34
C ASN A 334 11.28 -0.81 -11.91
N ILE A 335 12.31 -1.27 -12.61
CA ILE A 335 12.28 -2.59 -13.23
C ILE A 335 12.07 -3.68 -12.17
N CYS A 336 12.66 -3.49 -11.00
CA CYS A 336 12.51 -4.44 -9.91
C CYS A 336 11.10 -4.43 -9.35
N TYR A 337 10.66 -3.28 -8.84
CA TYR A 337 9.36 -3.18 -8.18
C TYR A 337 8.22 -3.57 -9.11
N VAL A 338 8.30 -3.17 -10.37
CA VAL A 338 7.25 -3.49 -11.33
C VAL A 338 7.13 -4.99 -11.51
N ASN A 339 8.28 -5.68 -11.61
CA ASN A 339 8.28 -7.14 -11.72
C ASN A 339 7.79 -7.82 -10.44
N GLU A 340 7.90 -7.12 -9.31
CA GLU A 340 7.58 -7.70 -8.02
C GLU A 340 6.15 -7.42 -7.58
N TYR A 341 5.65 -6.21 -7.86
CA TYR A 341 4.34 -5.84 -7.39
C TYR A 341 3.66 -4.78 -8.26
N GLY A 342 4.46 -3.98 -8.95
CA GLY A 342 3.93 -2.89 -9.75
C GLY A 342 3.02 -3.31 -10.87
N ALA A 343 3.45 -4.28 -11.67
CA ALA A 343 2.65 -4.80 -12.78
C ALA A 343 1.33 -5.37 -12.28
N LYS A 344 1.39 -5.97 -11.10
CA LYS A 344 0.22 -6.51 -10.43
C LYS A 344 -0.74 -5.39 -10.02
N GLN A 345 -0.19 -4.30 -9.48
CA GLN A 345 -0.98 -3.13 -9.11
C GLN A 345 -1.68 -2.49 -10.30
N ALA A 346 -0.94 -2.35 -11.40
CA ALA A 346 -1.46 -1.70 -12.59
C ALA A 346 -2.71 -2.40 -13.10
N SER A 347 -2.68 -3.73 -13.06
CA SER A 347 -3.81 -4.54 -13.49
C SER A 347 -4.98 -4.41 -12.51
N LEU A 348 -4.66 -4.39 -11.23
CA LEU A 348 -5.68 -4.29 -10.19
C LEU A 348 -6.28 -2.89 -10.10
N ASP A 349 -5.54 -1.90 -10.60
CA ASP A 349 -6.04 -0.52 -10.66
C ASP A 349 -7.28 -0.48 -11.55
N ILE A 350 -7.18 -1.16 -12.69
CA ILE A 350 -8.28 -1.26 -13.63
C ILE A 350 -9.44 -2.04 -13.01
N PHE A 351 -9.12 -3.14 -12.34
CA PHE A 351 -10.13 -3.99 -11.73
C PHE A 351 -10.86 -3.27 -10.60
N ARG A 352 -10.13 -2.46 -9.84
CA ARG A 352 -10.71 -1.68 -8.76
C ARG A 352 -11.80 -0.74 -9.27
N ARG A 353 -11.51 -0.06 -10.39
CA ARG A 353 -12.45 0.85 -11.02
C ARG A 353 -13.76 0.14 -11.38
N PHE A 354 -13.67 -1.15 -11.69
CA PHE A 354 -14.84 -1.95 -12.03
C PHE A 354 -15.61 -2.37 -10.78
N LEU A 355 -14.89 -2.84 -9.77
CA LEU A 355 -15.52 -3.33 -8.54
C LEU A 355 -16.23 -2.21 -7.78
N GLN A 356 -15.65 -1.01 -7.80
CA GLN A 356 -16.22 0.12 -7.08
C GLN A 356 -17.55 0.61 -7.67
N LYS A 357 -17.81 0.23 -8.92
CA LYS A 357 -19.00 0.70 -9.62
C LYS A 357 -20.15 -0.31 -9.54
N LEU A 358 -19.92 -1.47 -8.94
CA LEU A 358 -20.94 -2.51 -8.84
C LEU A 358 -21.98 -2.21 -7.77
N SER A 359 -23.24 -2.51 -8.07
CA SER A 359 -24.32 -2.35 -7.10
C SER A 359 -24.30 -3.50 -6.11
N ASN A 360 -24.99 -3.32 -4.98
CA ASN A 360 -25.11 -4.39 -4.00
C ASN A 360 -25.76 -5.63 -4.61
N ASP A 361 -26.66 -5.42 -5.56
CA ASP A 361 -27.31 -6.53 -6.26
C ASP A 361 -26.31 -7.25 -7.16
N ASP A 362 -25.38 -6.52 -7.74
CA ASP A 362 -24.35 -7.11 -8.58
C ASP A 362 -23.45 -8.05 -7.76
N ILE A 363 -23.13 -7.63 -6.54
CA ILE A 363 -22.26 -8.41 -5.68
C ILE A 363 -23.03 -9.54 -5.01
N ASN A 364 -24.26 -9.25 -4.58
CA ASN A 364 -25.13 -10.28 -4.00
C ASN A 364 -25.40 -11.42 -4.97
N TYR A 365 -25.59 -11.09 -6.24
CA TYR A 365 -25.84 -12.08 -7.27
C TYR A 365 -24.56 -12.84 -7.61
N GLY A 366 -23.49 -12.10 -7.89
CA GLY A 366 -22.22 -12.68 -8.27
C GLY A 366 -21.64 -13.65 -7.26
N MET A 367 -21.86 -13.38 -5.97
CA MET A 367 -21.33 -14.23 -4.92
C MET A 367 -22.21 -15.44 -4.66
N LYS A 368 -23.52 -15.24 -4.64
CA LYS A 368 -24.46 -16.33 -4.39
C LYS A 368 -24.43 -17.36 -5.53
N LYS A 369 -24.28 -16.87 -6.75
CA LYS A 369 -24.25 -17.73 -7.92
C LYS A 369 -22.84 -18.20 -8.25
N LYS A 370 -21.90 -17.89 -7.37
CA LYS A 370 -20.49 -18.28 -7.51
C LYS A 370 -19.94 -17.96 -8.89
N ILE A 371 -19.89 -16.68 -9.22
CA ILE A 371 -19.43 -16.23 -10.53
C ILE A 371 -17.96 -16.61 -10.73
N ILE A 372 -17.22 -16.74 -9.63
CA ILE A 372 -15.84 -17.22 -9.66
C ILE A 372 -15.58 -18.11 -8.46
N LYS A 373 -14.54 -18.94 -8.55
CA LYS A 373 -14.17 -19.83 -7.45
C LYS A 373 -13.70 -19.04 -6.24
N GLU A 374 -13.73 -19.67 -5.07
CA GLU A 374 -13.18 -19.07 -3.85
C GLU A 374 -11.66 -19.09 -3.90
N GLU A 375 -11.12 -19.78 -4.91
CA GLU A 375 -9.68 -19.90 -5.09
C GLU A 375 -9.21 -19.06 -6.28
N ASP A 376 -10.15 -18.71 -7.16
CA ASP A 376 -9.83 -17.89 -8.31
C ASP A 376 -9.78 -16.41 -7.92
N LEU A 377 -10.44 -16.08 -6.82
CA LEU A 377 -10.33 -14.74 -6.24
C LEU A 377 -8.97 -14.61 -5.56
N LEU A 378 -8.44 -15.75 -5.12
CA LEU A 378 -7.12 -15.80 -4.52
C LEU A 378 -6.03 -15.58 -5.56
N GLU A 379 -6.22 -16.21 -6.72
CA GLU A 379 -5.28 -16.11 -7.84
C GLU A 379 -5.35 -14.74 -8.50
N ALA A 380 -6.54 -14.17 -8.56
CA ALA A 380 -6.75 -12.88 -9.22
C ALA A 380 -6.09 -11.74 -8.46
N SER A 381 -5.63 -12.02 -7.25
CA SER A 381 -5.02 -10.99 -6.43
C SER A 381 -3.68 -11.45 -5.87
N GLU A 382 -3.28 -12.67 -6.21
CA GLU A 382 -1.94 -13.16 -5.96
C GLU A 382 -1.02 -12.71 -7.09
N LYS A 383 -1.48 -12.88 -8.32
CA LYS A 383 -0.72 -12.49 -9.50
C LYS A 383 -1.33 -11.26 -10.16
N GLY A 384 -2.50 -10.86 -9.68
CA GLY A 384 -3.20 -9.71 -10.23
C GLY A 384 -3.76 -9.97 -11.61
N ASP A 385 -3.98 -11.24 -11.94
CA ASP A 385 -4.46 -11.62 -13.26
C ASP A 385 -5.86 -12.22 -13.24
N LEU A 386 -6.70 -11.77 -14.16
CA LEU A 386 -8.02 -12.33 -14.36
C LEU A 386 -8.03 -13.10 -15.68
N HIS A 387 -7.72 -14.39 -15.61
CA HIS A 387 -7.48 -15.21 -16.79
C HIS A 387 -8.63 -15.16 -17.79
N LEU A 388 -8.27 -15.21 -19.08
CA LEU A 388 -9.24 -15.14 -20.16
C LEU A 388 -10.18 -16.36 -20.16
N SER A 389 -9.73 -17.45 -19.55
CA SER A 389 -10.54 -18.65 -19.45
C SER A 389 -11.49 -18.57 -18.26
N VAL A 390 -11.08 -17.84 -17.23
CA VAL A 390 -11.89 -17.70 -16.01
C VAL A 390 -13.00 -16.68 -16.22
N ALA A 391 -12.71 -15.62 -16.96
CA ALA A 391 -13.72 -14.62 -17.29
C ALA A 391 -14.83 -15.23 -18.13
N ASP A 392 -14.47 -16.17 -19.00
CA ASP A 392 -15.45 -16.85 -19.84
C ASP A 392 -16.39 -17.73 -19.03
N LYS A 393 -15.85 -18.36 -17.98
CA LYS A 393 -16.66 -19.18 -17.08
C LYS A 393 -17.58 -18.29 -16.25
N ALA A 394 -17.14 -17.07 -16.00
CA ALA A 394 -17.93 -16.12 -15.22
C ALA A 394 -18.97 -15.42 -16.10
N MET A 395 -18.60 -15.17 -17.35
CA MET A 395 -19.46 -14.45 -18.28
C MET A 395 -20.68 -15.27 -18.68
N ARG A 396 -20.56 -16.58 -18.65
CA ARG A 396 -21.67 -17.45 -19.03
C ARG A 396 -22.58 -17.75 -17.84
N VAL A 397 -22.23 -17.22 -16.68
CA VAL A 397 -23.08 -17.33 -15.49
C VAL A 397 -23.96 -16.09 -15.35
N ILE A 398 -23.41 -14.93 -15.72
CA ILE A 398 -24.18 -13.70 -15.71
C ILE A 398 -25.02 -13.56 -16.97
N SER A 399 -24.94 -14.56 -17.84
CA SER A 399 -25.82 -14.61 -19.01
C SER A 399 -27.24 -14.91 -18.56
N GLY A 400 -27.36 -15.60 -17.42
CA GLY A 400 -28.65 -15.95 -16.85
C GLY A 400 -29.21 -14.85 -15.98
N LEU A 401 -28.69 -13.63 -16.16
CA LEU A 401 -29.20 -12.46 -15.46
C LEU A 401 -30.13 -11.69 -16.39
N GLY A 402 -31.33 -11.40 -15.90
CA GLY A 402 -32.35 -10.79 -16.73
C GLY A 402 -32.34 -9.27 -16.74
N ARG A 403 -31.84 -8.68 -15.67
CA ARG A 403 -31.76 -7.22 -15.55
C ARG A 403 -30.43 -6.71 -16.09
N PRO A 404 -30.41 -5.45 -16.56
CA PRO A 404 -29.16 -4.84 -17.02
C PRO A 404 -28.17 -4.65 -15.87
N SER A 405 -26.89 -4.88 -16.14
CA SER A 405 -25.87 -4.82 -15.10
C SER A 405 -24.50 -4.49 -15.69
N LEU A 406 -23.58 -4.06 -14.82
CA LEU A 406 -22.20 -3.78 -15.24
C LEU A 406 -21.39 -5.07 -15.34
N LEU A 407 -21.98 -6.16 -14.87
CA LEU A 407 -21.32 -7.46 -14.87
C LEU A 407 -21.03 -7.94 -16.29
N PHE A 408 -21.86 -7.52 -17.24
CA PHE A 408 -21.74 -7.94 -18.63
C PHE A 408 -20.47 -7.45 -19.31
N LYS A 409 -19.69 -6.63 -18.61
CA LYS A 409 -18.45 -6.08 -19.16
C LYS A 409 -17.22 -6.70 -18.53
N LEU A 410 -17.41 -7.78 -17.76
CA LEU A 410 -16.31 -8.42 -17.06
C LEU A 410 -15.26 -8.98 -18.01
N LYS A 411 -15.69 -9.39 -19.20
CA LYS A 411 -14.78 -9.91 -20.20
C LYS A 411 -13.88 -8.81 -20.72
N ALA A 412 -14.48 -7.67 -21.06
CA ALA A 412 -13.74 -6.52 -21.55
C ALA A 412 -12.81 -5.97 -20.46
N VAL A 413 -13.21 -6.13 -19.21
CA VAL A 413 -12.39 -5.72 -18.08
C VAL A 413 -11.19 -6.66 -17.94
N ALA A 414 -11.44 -7.96 -18.10
CA ALA A 414 -10.37 -8.95 -18.04
C ALA A 414 -9.35 -8.74 -19.15
N GLU A 415 -9.82 -8.26 -20.30
CA GLU A 415 -8.95 -8.00 -21.44
C GLU A 415 -8.15 -6.72 -21.22
N SER A 416 -8.78 -5.73 -20.59
CA SER A 416 -8.12 -4.46 -20.30
C SER A 416 -7.05 -4.64 -19.22
N MET A 417 -7.31 -5.55 -18.29
CA MET A 417 -6.36 -5.86 -17.23
C MET A 417 -5.10 -6.52 -17.79
N LYS A 418 -5.30 -7.45 -18.71
CA LYS A 418 -4.18 -8.13 -19.35
C LYS A 418 -3.44 -7.17 -20.28
N LYS A 419 -4.17 -6.18 -20.78
CA LYS A 419 -3.60 -5.21 -21.71
C LYS A 419 -2.65 -4.25 -21.00
N ILE A 420 -3.03 -3.78 -19.82
CA ILE A 420 -2.20 -2.84 -19.08
C ILE A 420 -1.04 -3.56 -18.38
N LYS A 421 -1.23 -4.85 -18.10
CA LYS A 421 -0.14 -5.63 -17.51
C LYS A 421 0.89 -5.93 -18.59
N GLU A 422 0.41 -6.08 -19.82
CA GLU A 422 1.29 -6.27 -20.98
C GLU A 422 2.21 -5.05 -21.12
N LEU A 423 1.65 -3.87 -20.85
CA LEU A 423 2.39 -2.62 -20.92
C LEU A 423 3.46 -2.52 -19.83
N TYR A 424 3.09 -2.90 -18.61
CA TYR A 424 3.99 -2.77 -17.47
C TYR A 424 5.11 -3.82 -17.49
N LEU A 425 4.87 -4.93 -18.17
CA LEU A 425 5.94 -5.89 -18.41
C LEU A 425 6.96 -5.28 -19.37
N ASN A 426 6.45 -4.45 -20.28
CA ASN A 426 7.29 -3.73 -21.22
C ASN A 426 7.62 -2.33 -20.72
N TYR A 427 7.91 -2.23 -19.43
CA TYR A 427 8.34 -0.99 -18.82
C TYR A 427 9.60 -0.47 -19.52
N PRO A 428 9.71 0.86 -19.68
CA PRO A 428 10.85 1.51 -20.36
C PRO A 428 12.21 1.06 -19.82
N ARG A 429 13.10 0.65 -20.71
CA ARG A 429 14.45 0.27 -20.33
C ARG A 429 15.26 1.47 -19.86
N SER A 430 15.05 2.61 -20.52
CA SER A 430 15.72 3.85 -20.14
C SER A 430 14.70 4.95 -19.86
N PRO A 431 15.10 5.99 -19.10
CA PRO A 431 14.22 7.13 -18.84
C PRO A 431 13.83 7.88 -20.11
N SER A 432 14.55 7.64 -21.19
CA SER A 432 14.26 8.25 -22.49
C SER A 432 12.87 7.87 -22.99
N SER A 433 12.32 6.79 -22.46
CA SER A 433 11.05 6.24 -22.95
C SER A 433 9.89 6.47 -22.00
N LEU A 434 10.17 7.02 -20.82
CA LEU A 434 9.15 7.19 -19.78
C LEU A 434 7.94 7.99 -20.26
N GLY A 435 8.19 9.12 -20.91
CA GLY A 435 7.13 9.97 -21.39
C GLY A 435 6.20 9.27 -22.37
N SER A 436 6.79 8.68 -23.41
CA SER A 436 6.03 7.96 -24.43
C SER A 436 5.21 6.82 -23.83
N TRP A 437 5.82 6.08 -22.91
CA TRP A 437 5.20 4.94 -22.28
C TRP A 437 4.08 5.35 -21.32
N ARG A 438 4.25 6.50 -20.67
CA ARG A 438 3.25 6.97 -19.71
C ARG A 438 1.95 7.35 -20.41
N ARG A 439 2.05 8.13 -21.48
CA ARG A 439 0.87 8.59 -22.21
C ARG A 439 0.09 7.41 -22.80
N GLU A 440 0.81 6.34 -23.14
CA GLU A 440 0.16 5.12 -23.60
C GLU A 440 -0.65 4.51 -22.47
N VAL A 441 -0.06 4.47 -21.28
CA VAL A 441 -0.75 4.00 -20.09
C VAL A 441 -1.96 4.88 -19.79
N ASP A 442 -1.77 6.20 -19.91
CA ASP A 442 -2.86 7.15 -19.72
C ASP A 442 -3.99 6.90 -20.70
N ASN A 443 -3.63 6.56 -21.95
CA ASN A 443 -4.62 6.26 -22.97
C ASN A 443 -5.43 5.01 -22.63
N VAL A 444 -4.73 4.00 -22.13
CA VAL A 444 -5.38 2.75 -21.73
C VAL A 444 -6.43 3.01 -20.64
N LEU A 445 -6.07 3.85 -19.68
CA LEU A 445 -6.98 4.17 -18.58
C LEU A 445 -8.09 5.12 -19.02
N THR A 446 -7.78 6.03 -19.94
CA THR A 446 -8.78 6.93 -20.48
C THR A 446 -9.84 6.15 -21.26
N GLU A 447 -9.39 5.19 -22.05
CA GLU A 447 -10.29 4.34 -22.81
C GLU A 447 -11.13 3.44 -21.90
N PHE A 448 -10.48 2.82 -20.93
CA PHE A 448 -11.17 1.91 -20.02
C PHE A 448 -12.20 2.62 -19.18
N ASN A 449 -11.87 3.81 -18.69
CA ASN A 449 -12.80 4.61 -17.91
C ASN A 449 -14.07 4.93 -18.69
N LYS A 450 -13.89 5.13 -20.00
CA LYS A 450 -15.01 5.42 -20.90
C LYS A 450 -15.87 4.18 -21.14
N SER A 451 -15.25 3.01 -21.15
CA SER A 451 -15.94 1.77 -21.49
C SER A 451 -16.93 1.31 -20.42
N LEU A 452 -16.85 1.91 -19.23
CA LEU A 452 -17.77 1.58 -18.15
C LEU A 452 -19.03 2.45 -18.22
N SER A 453 -19.20 3.16 -19.33
CA SER A 453 -20.35 4.03 -19.50
C SER A 453 -20.62 4.30 -20.99
PA FDA B . 4.08 5.46 7.07
O1A FDA B . 3.02 6.49 7.15
O2A FDA B . 4.09 4.47 8.24
O5B FDA B . 5.47 6.18 6.85
C5B FDA B . 5.65 7.57 7.19
C4B FDA B . 6.67 7.67 8.30
O4B FDA B . 7.64 8.68 7.96
C3B FDA B . 6.10 8.09 9.65
O3B FDA B . 6.86 7.51 10.70
C2B FDA B . 6.23 9.61 9.62
O2B FDA B . 6.30 10.17 10.92
C1B FDA B . 7.56 9.76 8.89
N9A FDA B . 7.73 11.01 8.15
C8A FDA B . 6.90 11.52 7.19
N7A FDA B . 7.30 12.67 6.69
C5A FDA B . 8.49 12.92 7.36
C6A FDA B . 9.42 13.97 7.28
N6A FDA B . 9.30 15.01 6.45
N1A FDA B . 10.50 13.91 8.08
C2A FDA B . 10.63 12.88 8.91
N3A FDA B . 9.83 11.83 9.07
C4A FDA B . 8.77 11.91 8.26
N1 FDA B . -1.69 -2.14 5.28
C2 FDA B . -1.68 -3.51 5.24
O2 FDA B . -0.94 -4.15 4.50
N3 FDA B . -2.56 -4.13 6.09
C4 FDA B . -3.57 -3.53 6.83
O4 FDA B . -4.20 -4.17 7.65
C4X FDA B . -3.75 -2.15 6.50
N5 FDA B . -4.85 -1.48 6.93
C5X FDA B . -4.91 -0.09 6.84
C6 FDA B . -5.89 0.64 7.51
C7 FDA B . -5.95 2.02 7.42
C7M FDA B . -7.03 2.76 8.16
C8 FDA B . -5.00 2.70 6.65
C8M FDA B . -5.03 4.21 6.54
C9 FDA B . -4.01 1.99 5.99
C9A FDA B . -3.96 0.60 6.08
N10 FDA B . -2.96 -0.15 5.43
C10 FDA B . -2.80 -1.48 5.74
C1' FDA B . -1.92 0.52 4.62
C2' FDA B . -0.64 0.72 5.43
O2' FDA B . -0.96 1.37 6.66
C3' FDA B . 0.35 1.56 4.63
O3' FDA B . 0.20 1.26 3.25
C4' FDA B . 1.80 1.32 5.05
O4' FDA B . 1.95 1.62 6.44
C5' FDA B . 2.78 2.12 4.22
O5' FDA B . 4.03 2.24 4.96
P FDA B . 4.85 3.60 4.97
O1P FDA B . 6.06 3.37 5.77
O2P FDA B . 5.06 4.17 3.57
O3P FDA B . 3.88 4.59 5.74
C20 GRG C . -11.59 -1.64 -3.75
C19 GRG C . -10.52 0.68 -3.15
C18 GRG C . -10.88 -0.74 -2.76
C17 GRG C . -10.57 -1.19 -1.53
C16 GRG C . -9.87 -0.28 -0.54
C14 GRG C . -9.78 1.21 2.67
C13 GRG C . -9.52 -0.07 1.91
C15 GRG C . -10.50 -0.51 0.82
C12 GRG C . -8.45 -0.85 2.17
C11 GRG C . -7.41 -0.50 3.22
C9 GRG C . -7.91 -0.93 4.58
C8 GRG C . -7.41 -2.32 4.93
C10 GRG C . -8.08 -3.06 6.07
C7 GRG C . -6.40 -2.91 4.26
C6 GRG C . -5.90 -4.30 4.60
C5 GRG C . -6.74 -5.34 3.89
C3 GRG C . -5.94 -6.61 3.70
C4 GRG C . -6.63 -7.80 3.08
C2 GRG C . -4.65 -6.69 4.06
C1 GRG C . -3.81 -7.96 3.88
O1 GRG C . -4.34 -9.01 4.65
PA GRG C . -3.76 -10.45 4.34
O1A GRG C . -2.49 -10.28 3.55
O3A GRG C . -4.79 -11.27 3.48
O2A GRG C . -3.48 -11.18 5.62
C20 GRG D . -14.22 -4.13 -3.37
C19 GRG D . -15.15 -6.49 -4.04
C18 GRG D . -14.08 -5.64 -3.38
C17 GRG D . -13.00 -6.22 -2.81
C16 GRG D . -12.84 -7.73 -2.80
C14 GRG D . -11.65 -7.44 -0.02
C13 GRG D . -11.19 -8.44 -1.05
C15 GRG D . -11.40 -8.15 -2.53
C12 GRG D . -10.62 -9.57 -0.60
C11 GRG D . -10.08 -10.69 -1.47
C9 GRG D . -8.62 -10.50 -1.79
C8 GRG D . -7.65 -10.89 -0.68
C10 GRG D . -7.60 -10.09 0.60
C7 GRG D . -6.82 -11.94 -0.87
C6 GRG D . -5.76 -12.41 0.12
C5 GRG D . -4.51 -11.52 0.20
C3 GRG D . -3.76 -11.23 -1.10
C4 GRG D . -4.42 -10.84 -2.39
C2 GRG D . -2.43 -11.30 -1.27
C1 GRG D . -1.36 -11.58 -0.28
O1 GRG D . -0.67 -10.36 -0.04
PA GRG D . -0.42 -9.19 -1.10
O1A GRG D . -1.31 -9.09 -2.31
O3A GRG D . 1.06 -9.31 -1.65
O2A GRG D . -0.54 -7.88 -0.36
#